data_3EVM
#
_entry.id   3EVM
#
_cell.length_a   70.323
_cell.length_b   70.323
_cell.length_c   104.207
_cell.angle_alpha   90.00
_cell.angle_beta   90.00
_cell.angle_gamma   120.00
#
_symmetry.space_group_name_H-M   'P 63'
#
loop_
_entity.id
_entity.type
_entity.pdbx_description
1 polymer 'Nucleoside diphosphate kinase'
2 non-polymer 'DEOXYCYTIDINE DIPHOSPHATE'
3 non-polymer 'MAGNESIUM ION'
4 water water
#
_entity_poly.entity_id   1
_entity_poly.type   'polypeptide(L)'
_entity_poly.pdbx_seq_one_letter_code
;YKKAGLQRTLVLIKPDAFERSLVAEIMGRIEKKNFKIVSMKFWSKAPRNLIEQHYKEHSEQSYFNDLCDFMVSGPIISIV
YEGTDAISKIRRLQGNTNPLASAPGTIRGDLANDIGENLIHASDSEDSAVDEISIWFPETKMETDN
;
_entity_poly.pdbx_strand_id   A,B
#
# COMPACT_ATOMS: atom_id res chain seq x y z
N LEU A 6 4.16 -10.98 20.11
CA LEU A 6 4.23 -9.99 19.04
C LEU A 6 5.40 -10.28 18.10
N GLN A 7 5.10 -10.46 16.81
CA GLN A 7 6.11 -10.84 15.82
C GLN A 7 6.00 -9.91 14.62
N ARG A 8 7.06 -9.85 13.83
CA ARG A 8 7.00 -9.18 12.55
C ARG A 8 7.30 -10.21 11.48
N THR A 9 6.56 -10.11 10.39
CA THR A 9 6.77 -10.94 9.22
C THR A 9 6.95 -10.08 7.97
N LEU A 10 7.66 -10.62 6.99
CA LEU A 10 7.86 -9.95 5.72
C LEU A 10 6.90 -10.51 4.65
N VAL A 11 6.13 -9.60 4.05
CA VAL A 11 5.22 -9.93 2.96
C VAL A 11 5.65 -9.21 1.69
N LEU A 12 5.64 -9.92 0.58
CA LEU A 12 5.77 -9.28 -0.72
C LEU A 12 4.48 -9.44 -1.47
N ILE A 13 3.98 -8.32 -2.02
CA ILE A 13 2.94 -8.37 -3.03
C ILE A 13 3.64 -8.50 -4.39
N LYS A 14 3.35 -9.58 -5.10
CA LYS A 14 4.11 -9.96 -6.30
C LYS A 14 3.57 -9.30 -7.56
N PRO A 15 4.37 -9.33 -8.65
CA PRO A 15 4.00 -8.57 -9.84
C PRO A 15 2.65 -9.00 -10.42
N ASP A 16 2.27 -10.27 -10.21
CA ASP A 16 0.95 -10.68 -10.72
C ASP A 16 -0.23 -9.95 -10.05
N ALA A 17 -0.11 -9.60 -8.78
CA ALA A 17 -1.16 -8.81 -8.11
C ALA A 17 -1.33 -7.45 -8.78
N PHE A 18 -0.23 -6.84 -9.21
CA PHE A 18 -0.33 -5.56 -9.93
C PHE A 18 -0.94 -5.76 -11.30
N GLU A 19 -0.44 -6.74 -12.04
CA GLU A 19 -1.00 -7.04 -13.35
C GLU A 19 -2.52 -7.26 -13.30
N ARG A 20 -2.98 -7.87 -12.21
CA ARG A 20 -4.39 -8.27 -12.14
C ARG A 20 -5.19 -7.33 -11.26
N SER A 21 -4.57 -6.25 -10.80
CA SER A 21 -5.21 -5.28 -9.93
C SER A 21 -5.77 -5.90 -8.64
N LEU A 22 -4.96 -6.73 -7.98
CA LEU A 22 -5.39 -7.39 -6.74
C LEU A 22 -4.60 -6.91 -5.54
N VAL A 23 -3.90 -5.79 -5.71
CA VAL A 23 -3.06 -5.28 -4.64
C VAL A 23 -3.88 -4.99 -3.38
N ALA A 24 -4.89 -4.13 -3.52
CA ALA A 24 -5.75 -3.76 -2.39
C ALA A 24 -6.49 -4.98 -1.84
N GLU A 25 -6.91 -5.87 -2.72
CA GLU A 25 -7.64 -7.05 -2.28
C GLU A 25 -6.82 -7.86 -1.29
N ILE A 26 -5.54 -8.07 -1.60
CA ILE A 26 -4.65 -8.86 -0.77
C ILE A 26 -4.31 -8.09 0.50
N MET A 27 -3.88 -6.85 0.35
CA MET A 27 -3.59 -6.03 1.54
C MET A 27 -4.81 -5.90 2.44
N GLY A 28 -6.00 -5.76 1.85
CA GLY A 28 -7.24 -5.66 2.61
C GLY A 28 -7.52 -6.87 3.48
N ARG A 29 -7.19 -8.06 2.97
CA ARG A 29 -7.42 -9.25 3.77
C ARG A 29 -6.56 -9.28 5.02
N ILE A 30 -5.33 -8.79 4.91
CA ILE A 30 -4.45 -8.77 6.06
C ILE A 30 -4.88 -7.63 7.00
N GLU A 31 -5.24 -6.50 6.42
CA GLU A 31 -5.73 -5.38 7.20
C GLU A 31 -6.98 -5.74 8.02
N LYS A 32 -7.91 -6.46 7.42
CA LYS A 32 -9.16 -6.85 8.09
C LYS A 32 -8.93 -7.82 9.26
N LYS A 33 -7.78 -8.49 9.25
CA LYS A 33 -7.43 -9.44 10.29
C LYS A 33 -6.73 -8.70 11.41
N ASN A 34 -6.57 -7.39 11.24
CA ASN A 34 -6.08 -6.51 12.30
C ASN A 34 -4.55 -6.46 12.46
N PHE A 35 -3.80 -6.84 11.43
CA PHE A 35 -2.35 -6.65 11.41
C PHE A 35 -1.97 -5.22 11.01
N LYS A 36 -0.90 -4.72 11.62
CA LYS A 36 -0.46 -3.34 11.43
C LYS A 36 0.77 -3.30 10.54
N ILE A 37 0.78 -2.36 9.59
CA ILE A 37 1.94 -2.09 8.78
C ILE A 37 3.00 -1.37 9.63
N VAL A 38 4.20 -1.94 9.66
CA VAL A 38 5.32 -1.37 10.40
C VAL A 38 6.26 -0.62 9.44
N SER A 39 6.46 -1.20 8.25
CA SER A 39 7.22 -0.56 7.18
C SER A 39 6.65 -1.06 5.86
N MET A 40 6.88 -0.29 4.81
CA MET A 40 6.40 -0.63 3.49
C MET A 40 7.23 0.09 2.43
N LYS A 41 7.57 -0.64 1.36
CA LYS A 41 8.37 -0.11 0.26
C LYS A 41 7.75 -0.53 -1.08
N PHE A 42 7.59 0.41 -2.00
CA PHE A 42 7.13 0.11 -3.35
C PHE A 42 8.32 0.02 -4.32
N TRP A 43 8.40 -1.06 -5.08
CA TRP A 43 9.51 -1.26 -6.02
C TRP A 43 8.97 -1.29 -7.44
N SER A 44 9.32 -0.30 -8.27
CA SER A 44 8.88 -0.33 -9.66
C SER A 44 9.41 -1.61 -10.33
N LYS A 45 10.60 -2.01 -9.94
CA LYS A 45 11.15 -3.31 -10.30
C LYS A 45 12.24 -3.58 -9.28
N ALA A 46 12.12 -4.69 -8.55
CA ALA A 46 13.17 -5.04 -7.62
C ALA A 46 14.43 -5.48 -8.38
N PRO A 47 15.60 -5.16 -7.85
CA PRO A 47 16.86 -5.59 -8.46
C PRO A 47 16.93 -7.12 -8.36
N ARG A 48 17.37 -7.76 -9.44
CA ARG A 48 17.44 -9.21 -9.48
C ARG A 48 18.25 -9.78 -8.31
N ASN A 49 19.29 -9.06 -7.87
CA ASN A 49 20.11 -9.57 -6.78
C ASN A 49 19.33 -9.68 -5.46
N LEU A 50 18.46 -8.73 -5.22
CA LEU A 50 17.61 -8.76 -4.02
C LEU A 50 16.73 -10.01 -4.09
N ILE A 51 16.15 -10.25 -5.26
CA ILE A 51 15.27 -11.40 -5.47
C ILE A 51 16.04 -12.70 -5.23
N GLU A 52 17.22 -12.81 -5.84
CA GLU A 52 18.08 -13.98 -5.67
C GLU A 52 18.43 -14.21 -4.22
N GLN A 53 18.63 -13.13 -3.46
CA GLN A 53 18.90 -13.27 -2.03
C GLN A 53 17.65 -13.73 -1.27
N HIS A 54 16.53 -13.12 -1.60
CA HIS A 54 15.27 -13.49 -0.95
C HIS A 54 15.00 -14.98 -1.14
N TYR A 55 15.24 -15.48 -2.35
CA TYR A 55 15.00 -16.88 -2.67
C TYR A 55 16.27 -17.77 -2.70
N LYS A 56 17.27 -17.38 -1.93
CA LYS A 56 18.55 -18.09 -1.96
C LYS A 56 18.43 -19.60 -1.68
N GLU A 57 17.46 -19.99 -0.85
CA GLU A 57 17.26 -21.40 -0.52
C GLU A 57 16.80 -22.21 -1.74
N HIS A 58 16.36 -21.52 -2.79
CA HIS A 58 15.81 -22.16 -3.98
C HIS A 58 16.77 -22.14 -5.15
N SER A 59 18.00 -21.70 -4.90
CA SER A 59 18.95 -21.48 -5.98
C SER A 59 19.22 -22.72 -6.84
N GLU A 60 19.09 -23.92 -6.28
CA GLU A 60 19.34 -25.15 -7.05
C GLU A 60 18.07 -25.81 -7.61
N GLN A 61 16.91 -25.16 -7.44
CA GLN A 61 15.65 -25.72 -7.95
C GLN A 61 15.53 -25.37 -9.42
N SER A 62 14.88 -26.23 -10.20
CA SER A 62 14.78 -26.00 -11.63
C SER A 62 14.02 -24.74 -11.96
N TYR A 63 13.11 -24.32 -11.06
CA TYR A 63 12.31 -23.10 -11.29
C TYR A 63 13.02 -21.80 -10.91
N PHE A 64 14.23 -21.90 -10.37
CA PHE A 64 14.87 -20.71 -9.80
C PHE A 64 14.92 -19.55 -10.78
N ASN A 65 15.42 -19.77 -11.99
CA ASN A 65 15.53 -18.66 -12.92
C ASN A 65 14.19 -18.07 -13.39
N ASP A 66 13.23 -18.94 -13.69
CA ASP A 66 11.89 -18.50 -14.04
C ASP A 66 11.25 -17.69 -12.89
N LEU A 67 11.47 -18.15 -11.67
CA LEU A 67 10.97 -17.43 -10.50
C LEU A 67 11.59 -16.02 -10.38
N CYS A 68 12.92 -15.91 -10.56
CA CYS A 68 13.56 -14.60 -10.51
C CYS A 68 13.09 -13.69 -11.64
N ASP A 69 12.93 -14.24 -12.85
CA ASP A 69 12.43 -13.47 -13.99
C ASP A 69 11.03 -12.94 -13.69
N PHE A 70 10.17 -13.78 -13.10
CA PHE A 70 8.81 -13.38 -12.80
C PHE A 70 8.78 -12.26 -11.76
N MET A 71 9.63 -12.39 -10.74
CA MET A 71 9.64 -11.43 -9.63
C MET A 71 10.17 -10.04 -10.04
N VAL A 72 10.92 -9.97 -11.16
CA VAL A 72 11.36 -8.68 -11.69
C VAL A 72 10.52 -8.23 -12.89
N SER A 73 9.43 -8.95 -13.16
CA SER A 73 8.61 -8.68 -14.33
C SER A 73 7.60 -7.52 -14.17
N GLY A 74 7.47 -6.98 -12.97
CA GLY A 74 6.58 -5.88 -12.71
C GLY A 74 6.86 -5.44 -11.30
N PRO A 75 6.04 -4.53 -10.73
CA PRO A 75 6.33 -4.02 -9.39
C PRO A 75 6.13 -5.05 -8.29
N ILE A 76 6.67 -4.72 -7.12
CA ILE A 76 6.49 -5.47 -5.90
C ILE A 76 6.29 -4.48 -4.77
N ILE A 77 5.45 -4.81 -3.80
CA ILE A 77 5.43 -4.04 -2.55
C ILE A 77 5.99 -4.93 -1.46
N SER A 78 7.00 -4.46 -0.74
CA SER A 78 7.43 -5.20 0.43
C SER A 78 6.85 -4.57 1.69
N ILE A 79 6.41 -5.40 2.63
CA ILE A 79 5.68 -4.91 3.80
C ILE A 79 6.10 -5.69 5.01
N VAL A 80 6.33 -4.99 6.11
CA VAL A 80 6.55 -5.68 7.37
C VAL A 80 5.25 -5.55 8.19
N TYR A 81 4.68 -6.69 8.56
CA TYR A 81 3.44 -6.67 9.32
C TYR A 81 3.75 -7.11 10.73
N GLU A 82 3.03 -6.54 11.69
CA GLU A 82 3.29 -6.82 13.09
C GLU A 82 1.99 -7.23 13.78
N GLY A 83 2.07 -8.21 14.67
CA GLY A 83 0.92 -8.73 15.36
C GLY A 83 1.29 -9.99 16.11
N THR A 84 0.46 -10.39 17.09
CA THR A 84 0.71 -11.62 17.85
C THR A 84 0.70 -12.79 16.87
N ASP A 85 1.77 -13.58 16.88
CA ASP A 85 1.91 -14.74 16.00
C ASP A 85 1.73 -14.37 14.53
N ALA A 86 2.11 -13.15 14.14
CA ALA A 86 1.88 -12.70 12.76
C ALA A 86 2.42 -13.67 11.70
N ILE A 87 3.54 -14.33 11.98
CA ILE A 87 4.19 -15.16 10.97
C ILE A 87 3.30 -16.34 10.57
N SER A 88 2.94 -17.19 11.53
CA SER A 88 2.10 -18.33 11.23
C SER A 88 0.72 -17.89 10.75
N LYS A 89 0.20 -16.78 11.29
CA LYS A 89 -1.18 -16.41 10.95
C LYS A 89 -1.27 -15.96 9.50
N ILE A 90 -0.36 -15.09 9.10
CA ILE A 90 -0.36 -14.62 7.72
C ILE A 90 -0.10 -15.76 6.72
N ARG A 91 0.71 -16.74 7.13
CA ARG A 91 0.94 -17.92 6.31
C ARG A 91 -0.39 -18.67 6.07
N ARG A 92 -1.22 -18.79 7.12
CA ARG A 92 -2.51 -19.47 6.97
C ARG A 92 -3.46 -18.66 6.07
N LEU A 93 -3.45 -17.34 6.17
CA LEU A 93 -4.23 -16.49 5.27
C LEU A 93 -3.75 -16.62 3.83
N GLN A 94 -2.42 -16.67 3.64
CA GLN A 94 -1.82 -16.84 2.32
C GLN A 94 -2.35 -18.06 1.57
N GLY A 95 -2.35 -19.22 2.21
CA GLY A 95 -2.74 -20.46 1.54
C GLY A 95 -1.56 -21.18 0.90
N ASN A 96 -1.78 -22.46 0.59
CA ASN A 96 -0.71 -23.31 0.09
C ASN A 96 -0.18 -22.87 -1.29
N THR A 97 1.08 -23.17 -1.57
CA THR A 97 1.71 -22.79 -2.84
C THR A 97 1.00 -23.41 -4.04
N ASN A 98 0.58 -24.65 -3.85
CA ASN A 98 0.01 -25.42 -4.94
C ASN A 98 -1.49 -25.15 -5.10
N PRO A 99 -1.91 -24.75 -6.30
CA PRO A 99 -3.32 -24.47 -6.63
C PRO A 99 -4.25 -25.70 -6.48
N LEU A 100 -3.67 -26.90 -6.40
CA LEU A 100 -4.46 -28.10 -6.15
C LEU A 100 -4.73 -28.27 -4.66
N ALA A 101 -4.09 -27.42 -3.84
CA ALA A 101 -4.17 -27.56 -2.38
C ALA A 101 -4.68 -26.32 -1.63
N SER A 102 -4.45 -25.12 -2.18
CA SER A 102 -4.74 -23.91 -1.41
C SER A 102 -6.24 -23.80 -1.19
N ALA A 103 -6.63 -23.50 0.04
CA ALA A 103 -8.04 -23.61 0.43
C ALA A 103 -8.90 -22.38 0.09
N PRO A 104 -10.14 -22.60 -0.38
CA PRO A 104 -11.04 -21.46 -0.56
C PRO A 104 -11.11 -20.71 0.76
N GLY A 105 -11.10 -19.38 0.70
CA GLY A 105 -11.03 -18.57 1.90
C GLY A 105 -9.66 -17.96 2.12
N THR A 106 -8.62 -18.62 1.62
CA THR A 106 -7.27 -18.07 1.64
C THR A 106 -7.04 -17.19 0.41
N ILE A 107 -5.97 -16.40 0.45
CA ILE A 107 -5.64 -15.50 -0.66
C ILE A 107 -5.36 -16.32 -1.92
N ARG A 108 -4.41 -17.24 -1.84
CA ARG A 108 -4.15 -18.14 -2.95
C ARG A 108 -5.36 -19.04 -3.32
N GLY A 109 -6.09 -19.54 -2.32
CA GLY A 109 -7.25 -20.40 -2.61
C GLY A 109 -8.32 -19.69 -3.42
N ASP A 110 -8.55 -18.40 -3.15
CA ASP A 110 -9.59 -17.65 -3.86
C ASP A 110 -9.09 -17.04 -5.17
N LEU A 111 -7.79 -16.71 -5.21
CA LEU A 111 -7.31 -15.75 -6.21
C LEU A 111 -6.23 -16.26 -7.13
N ALA A 112 -5.47 -17.26 -6.69
CA ALA A 112 -4.32 -17.72 -7.47
C ALA A 112 -4.61 -19.03 -8.18
N ASN A 113 -4.08 -19.20 -9.39
CA ASN A 113 -4.37 -20.40 -10.18
C ASN A 113 -3.08 -21.03 -10.74
N ASP A 114 -1.94 -20.61 -10.20
CA ASP A 114 -0.67 -21.13 -10.69
C ASP A 114 0.29 -21.27 -9.50
N ILE A 115 1.17 -22.27 -9.56
CA ILE A 115 2.09 -22.52 -8.46
C ILE A 115 3.18 -21.44 -8.41
N GLY A 116 3.41 -20.77 -9.54
CA GLY A 116 4.45 -19.73 -9.64
C GLY A 116 3.90 -18.31 -9.44
N GLU A 117 2.89 -17.98 -10.24
CA GLU A 117 2.17 -16.71 -10.12
C GLU A 117 1.14 -16.89 -9.03
N ASN A 118 1.60 -16.68 -7.79
CA ASN A 118 0.80 -17.01 -6.64
C ASN A 118 0.62 -15.79 -5.72
N LEU A 119 0.76 -14.60 -6.30
CA LEU A 119 0.33 -13.30 -5.71
C LEU A 119 1.09 -12.74 -4.51
N ILE A 120 1.56 -13.60 -3.62
CA ILE A 120 2.01 -13.13 -2.34
C ILE A 120 3.07 -14.02 -1.74
N HIS A 121 4.10 -13.39 -1.19
CA HIS A 121 5.05 -14.07 -0.32
C HIS A 121 4.80 -13.69 1.13
N ALA A 122 5.01 -14.66 2.02
CA ALA A 122 5.03 -14.39 3.46
C ALA A 122 6.12 -15.25 4.11
N SER A 123 6.85 -14.68 5.06
CA SER A 123 7.89 -15.44 5.79
C SER A 123 7.28 -16.67 6.44
N ASP A 124 8.03 -17.78 6.45
CA ASP A 124 7.53 -19.04 6.99
C ASP A 124 7.98 -19.38 8.42
N SER A 125 8.89 -18.57 8.98
CA SER A 125 9.39 -18.82 10.33
C SER A 125 10.02 -17.57 10.90
N GLU A 126 10.26 -17.56 12.20
CA GLU A 126 10.95 -16.44 12.85
C GLU A 126 12.33 -16.21 12.27
N ASP A 127 13.09 -17.28 12.08
CA ASP A 127 14.43 -17.16 11.49
C ASP A 127 14.38 -16.52 10.11
N SER A 128 13.48 -16.99 9.23
CA SER A 128 13.44 -16.44 7.90
C SER A 128 12.86 -15.03 7.86
N ALA A 129 11.92 -14.71 8.74
CA ALA A 129 11.40 -13.33 8.80
C ALA A 129 12.53 -12.32 9.08
N VAL A 130 13.34 -12.58 10.09
CA VAL A 130 14.47 -11.72 10.43
C VAL A 130 15.33 -11.46 9.20
N ASP A 131 15.72 -12.56 8.58
CA ASP A 131 16.47 -12.59 7.33
C ASP A 131 15.84 -11.74 6.22
N GLU A 132 14.57 -12.03 5.91
CA GLU A 132 13.91 -11.34 4.80
C GLU A 132 13.67 -9.86 5.12
N ILE A 133 13.36 -9.56 6.38
CA ILE A 133 13.20 -8.16 6.75
C ILE A 133 14.51 -7.39 6.51
N SER A 134 15.64 -8.03 6.81
CA SER A 134 16.94 -7.39 6.61
C SER A 134 17.28 -7.20 5.14
N ILE A 135 16.75 -8.07 4.27
CA ILE A 135 17.00 -7.94 2.84
C ILE A 135 16.24 -6.74 2.28
N TRP A 136 14.95 -6.65 2.62
CA TRP A 136 14.07 -5.64 2.02
C TRP A 136 14.14 -4.29 2.75
N PHE A 137 14.53 -4.34 4.03
CA PHE A 137 14.60 -3.14 4.87
C PHE A 137 15.91 -3.13 5.64
N PRO A 138 17.04 -3.01 4.95
CA PRO A 138 18.32 -3.23 5.61
C PRO A 138 18.61 -2.18 6.69
N GLU A 139 17.93 -1.03 6.61
CA GLU A 139 18.12 0.04 7.58
C GLU A 139 17.95 -0.46 9.01
N LEU B 6 -1.82 11.72 -19.93
CA LEU B 6 -1.17 10.99 -18.83
C LEU B 6 -0.62 11.98 -17.79
N GLN B 7 -0.96 11.76 -16.53
CA GLN B 7 -0.65 12.70 -15.47
C GLN B 7 -0.25 11.94 -14.22
N ARG B 8 0.45 12.60 -13.32
CA ARG B 8 0.75 12.04 -12.01
C ARG B 8 0.13 12.94 -10.98
N THR B 9 -0.47 12.31 -9.96
CA THR B 9 -1.07 13.04 -8.84
C THR B 9 -0.57 12.45 -7.53
N LEU B 10 -0.57 13.27 -6.49
CA LEU B 10 -0.07 12.85 -5.20
C LEU B 10 -1.26 12.61 -4.28
N VAL B 11 -1.34 11.40 -3.71
CA VAL B 11 -2.41 11.07 -2.78
C VAL B 11 -1.82 10.79 -1.41
N LEU B 12 -2.43 11.33 -0.35
CA LEU B 12 -2.12 10.87 0.99
C LEU B 12 -3.29 10.08 1.56
N ILE B 13 -2.98 8.91 2.11
CA ILE B 13 -3.93 8.15 2.91
C ILE B 13 -3.76 8.63 4.35
N LYS B 14 -4.81 9.18 4.93
CA LYS B 14 -4.69 9.91 6.20
C LYS B 14 -4.79 9.02 7.43
N PRO B 15 -4.44 9.57 8.62
CA PRO B 15 -4.34 8.67 9.78
C PRO B 15 -5.68 8.04 10.18
N ASP B 16 -6.80 8.69 9.86
CA ASP B 16 -8.10 8.11 10.16
C ASP B 16 -8.36 6.81 9.37
N ALA B 17 -7.81 6.71 8.16
CA ALA B 17 -7.91 5.47 7.37
C ALA B 17 -7.22 4.30 8.07
N PHE B 18 -6.05 4.55 8.66
CA PHE B 18 -5.39 3.49 9.44
C PHE B 18 -6.22 3.13 10.65
N GLU B 19 -6.66 4.13 11.39
CA GLU B 19 -7.42 3.90 12.62
C GLU B 19 -8.67 3.07 12.38
N ARG B 20 -9.34 3.32 11.24
CA ARG B 20 -10.59 2.65 10.93
C ARG B 20 -10.40 1.49 9.95
N SER B 21 -9.15 1.11 9.70
CA SER B 21 -8.84 -0.01 8.80
C SER B 21 -9.47 0.13 7.38
N LEU B 22 -9.30 1.30 6.77
CA LEU B 22 -9.90 1.59 5.48
C LEU B 22 -8.82 1.85 4.43
N VAL B 23 -7.58 1.52 4.76
CA VAL B 23 -6.48 1.78 3.84
C VAL B 23 -6.71 1.04 2.51
N ALA B 24 -6.93 -0.27 2.57
CA ALA B 24 -7.12 -1.06 1.35
C ALA B 24 -8.40 -0.67 0.62
N GLU B 25 -9.44 -0.34 1.37
CA GLU B 25 -10.70 0.07 0.77
C GLU B 25 -10.49 1.30 -0.12
N ILE B 26 -9.69 2.24 0.37
CA ILE B 26 -9.51 3.51 -0.33
C ILE B 26 -8.60 3.27 -1.54
N MET B 27 -7.47 2.60 -1.31
CA MET B 27 -6.54 2.28 -2.39
C MET B 27 -7.20 1.42 -3.45
N GLY B 28 -8.06 0.51 -3.02
CA GLY B 28 -8.80 -0.37 -3.91
C GLY B 28 -9.71 0.39 -4.87
N ARG B 29 -10.33 1.46 -4.40
CA ARG B 29 -11.23 2.20 -5.27
C ARG B 29 -10.44 2.84 -6.39
N ILE B 30 -9.22 3.29 -6.08
CA ILE B 30 -8.39 3.95 -7.08
C ILE B 30 -7.81 2.90 -8.04
N GLU B 31 -7.42 1.75 -7.48
CA GLU B 31 -6.89 0.63 -8.29
C GLU B 31 -7.92 0.08 -9.27
N LYS B 32 -9.18 0.04 -8.83
CA LYS B 32 -10.25 -0.49 -9.67
C LYS B 32 -10.57 0.45 -10.82
N LYS B 33 -10.24 1.73 -10.64
CA LYS B 33 -10.41 2.75 -11.68
C LYS B 33 -9.25 2.70 -12.68
N ASN B 34 -8.34 1.75 -12.47
CA ASN B 34 -7.21 1.45 -13.35
C ASN B 34 -6.01 2.42 -13.23
N PHE B 35 -5.90 3.14 -12.12
CA PHE B 35 -4.73 4.01 -11.92
C PHE B 35 -3.57 3.22 -11.35
N LYS B 36 -2.37 3.57 -11.79
CA LYS B 36 -1.17 2.81 -11.43
C LYS B 36 -0.30 3.55 -10.41
N ILE B 37 0.17 2.81 -9.40
CA ILE B 37 1.11 3.38 -8.45
C ILE B 37 2.48 3.54 -9.13
N VAL B 38 3.11 4.69 -8.97
CA VAL B 38 4.44 4.84 -9.53
C VAL B 38 5.46 5.17 -8.45
N SER B 39 4.96 5.64 -7.31
CA SER B 39 5.77 5.76 -6.09
C SER B 39 4.88 5.57 -4.88
N MET B 40 5.43 5.06 -3.78
CA MET B 40 4.69 4.95 -2.53
C MET B 40 5.61 4.83 -1.33
N LYS B 41 5.28 5.56 -0.26
CA LYS B 41 6.08 5.56 0.96
C LYS B 41 5.15 5.46 2.16
N PHE B 42 5.50 4.58 3.12
CA PHE B 42 4.77 4.48 4.38
C PHE B 42 5.49 5.32 5.43
N TRP B 43 4.73 6.16 6.13
CA TRP B 43 5.28 6.99 7.21
C TRP B 43 4.60 6.59 8.52
N SER B 44 5.34 5.98 9.44
CA SER B 44 4.75 5.64 10.72
C SER B 44 4.27 6.93 11.39
N LYS B 45 5.01 8.01 11.13
CA LYS B 45 4.62 9.35 11.57
C LYS B 45 5.30 10.38 10.67
N ALA B 46 4.51 11.13 9.89
CA ALA B 46 5.11 12.13 9.03
C ALA B 46 5.68 13.27 9.89
N PRO B 47 6.86 13.78 9.50
CA PRO B 47 7.50 14.95 10.11
C PRO B 47 6.57 16.16 10.00
N ARG B 48 6.43 16.89 11.09
CA ARG B 48 5.63 18.10 11.14
C ARG B 48 5.91 19.02 9.97
N ASN B 49 7.19 19.22 9.66
CA ASN B 49 7.54 20.20 8.63
C ASN B 49 7.03 19.83 7.24
N LEU B 50 7.03 18.54 6.91
CA LEU B 50 6.51 18.08 5.61
C LEU B 50 5.02 18.36 5.56
N ILE B 51 4.35 18.10 6.67
CA ILE B 51 2.90 18.30 6.74
C ILE B 51 2.61 19.78 6.57
N GLU B 52 3.34 20.61 7.30
CA GLU B 52 3.12 22.06 7.23
C GLU B 52 3.45 22.62 5.85
N GLN B 53 4.47 22.08 5.19
CA GLN B 53 4.73 22.45 3.82
C GLN B 53 3.64 21.97 2.83
N HIS B 54 3.22 20.71 2.97
CA HIS B 54 2.11 20.18 2.18
C HIS B 54 0.90 21.11 2.25
N TYR B 55 0.54 21.54 3.46
CA TYR B 55 -0.66 22.36 3.64
C TYR B 55 -0.33 23.85 3.81
N LYS B 56 0.79 24.29 3.23
CA LYS B 56 1.26 25.67 3.47
C LYS B 56 0.22 26.70 3.08
N GLU B 57 -0.65 26.36 2.13
CA GLU B 57 -1.69 27.31 1.72
C GLU B 57 -2.66 27.63 2.85
N HIS B 58 -2.81 26.70 3.80
CA HIS B 58 -3.76 26.83 4.89
C HIS B 58 -3.12 27.36 6.16
N SER B 59 -1.88 27.83 6.08
CA SER B 59 -1.12 28.12 7.30
C SER B 59 -1.74 29.21 8.19
N GLU B 60 -2.54 30.09 7.61
CA GLU B 60 -3.17 31.17 8.37
C GLU B 60 -4.65 30.88 8.67
N GLN B 61 -5.12 29.69 8.28
CA GLN B 61 -6.52 29.30 8.50
C GLN B 61 -6.75 28.86 9.94
N SER B 62 -7.99 29.00 10.42
CA SER B 62 -8.23 28.72 11.84
C SER B 62 -7.95 27.24 12.19
N TYR B 63 -8.10 26.36 11.19
CA TYR B 63 -8.01 24.91 11.40
C TYR B 63 -6.60 24.36 11.21
N PHE B 64 -5.63 25.23 10.94
CA PHE B 64 -4.30 24.76 10.55
C PHE B 64 -3.64 23.86 11.59
N ASN B 65 -3.59 24.30 12.85
CA ASN B 65 -2.89 23.54 13.88
C ASN B 65 -3.57 22.20 14.15
N ASP B 66 -4.90 22.21 14.14
CA ASP B 66 -5.63 20.98 14.37
C ASP B 66 -5.43 20.02 13.20
N LEU B 67 -5.39 20.58 11.99
CA LEU B 67 -5.13 19.80 10.79
C LEU B 67 -3.76 19.14 10.87
N CYS B 68 -2.74 19.92 11.21
CA CYS B 68 -1.38 19.40 11.31
C CYS B 68 -1.26 18.36 12.44
N ASP B 69 -1.90 18.65 13.57
CA ASP B 69 -1.91 17.74 14.69
C ASP B 69 -2.55 16.42 14.28
N PHE B 70 -3.70 16.50 13.60
CA PHE B 70 -4.38 15.28 13.15
C PHE B 70 -3.47 14.49 12.20
N MET B 71 -2.81 15.20 11.29
CA MET B 71 -2.01 14.53 10.25
C MET B 71 -0.77 13.84 10.78
N VAL B 72 -0.32 14.22 11.99
CA VAL B 72 0.81 13.52 12.63
C VAL B 72 0.35 12.56 13.76
N SER B 73 -0.96 12.32 13.86
CA SER B 73 -1.56 11.56 14.95
C SER B 73 -1.55 10.04 14.70
N GLY B 74 -1.11 9.64 13.51
CA GLY B 74 -1.04 8.23 13.14
C GLY B 74 -0.29 8.14 11.82
N PRO B 75 -0.17 6.93 11.25
CA PRO B 75 0.59 6.78 10.02
C PRO B 75 -0.08 7.43 8.82
N ILE B 76 0.71 7.69 7.79
CA ILE B 76 0.17 8.08 6.49
C ILE B 76 0.90 7.30 5.39
N ILE B 77 0.22 7.14 4.28
CA ILE B 77 0.88 6.63 3.10
C ILE B 77 0.85 7.72 2.06
N SER B 78 1.99 8.01 1.44
CA SER B 78 2.01 8.94 0.32
C SER B 78 2.21 8.13 -0.96
N ILE B 79 1.38 8.41 -1.96
CA ILE B 79 1.38 7.62 -3.19
C ILE B 79 1.32 8.57 -4.36
N VAL B 80 2.09 8.27 -5.40
CA VAL B 80 1.93 8.95 -6.66
C VAL B 80 1.20 8.02 -7.61
N TYR B 81 0.09 8.50 -8.16
CA TYR B 81 -0.73 7.72 -9.07
C TYR B 81 -0.59 8.27 -10.48
N GLU B 82 -0.60 7.39 -11.47
CA GLU B 82 -0.45 7.80 -12.86
C GLU B 82 -1.58 7.28 -13.70
N GLY B 83 -2.08 8.14 -14.58
CA GLY B 83 -3.13 7.74 -15.50
C GLY B 83 -3.58 8.94 -16.28
N THR B 84 -4.35 8.70 -17.33
CA THR B 84 -4.84 9.80 -18.13
C THR B 84 -5.80 10.66 -17.28
N ASP B 85 -5.47 11.94 -17.18
CA ASP B 85 -6.25 12.89 -16.36
C ASP B 85 -6.39 12.45 -14.91
N ALA B 86 -5.34 11.83 -14.39
CA ALA B 86 -5.36 11.31 -13.01
C ALA B 86 -5.79 12.36 -11.98
N ILE B 87 -5.34 13.62 -12.15
CA ILE B 87 -5.61 14.65 -11.13
C ILE B 87 -7.08 14.89 -10.94
N SER B 88 -7.78 15.30 -11.99
CA SER B 88 -9.20 15.57 -11.85
C SER B 88 -10.02 14.31 -11.52
N LYS B 89 -9.65 13.17 -12.12
CA LYS B 89 -10.44 11.94 -11.94
C LYS B 89 -10.37 11.43 -10.50
N ILE B 90 -9.19 11.54 -9.89
CA ILE B 90 -9.06 11.05 -8.51
C ILE B 90 -9.71 12.07 -7.56
N ARG B 91 -9.63 13.34 -7.90
CA ARG B 91 -10.38 14.34 -7.13
C ARG B 91 -11.88 14.03 -7.16
N ARG B 92 -12.37 13.59 -8.31
CA ARG B 92 -13.76 13.23 -8.44
C ARG B 92 -14.08 12.01 -7.55
N LEU B 93 -13.18 11.01 -7.53
CA LEU B 93 -13.37 9.84 -6.65
C LEU B 93 -13.41 10.23 -5.17
N GLN B 94 -12.54 11.17 -4.80
CA GLN B 94 -12.38 11.62 -3.42
C GLN B 94 -13.67 12.15 -2.80
N GLY B 95 -14.33 13.05 -3.51
CA GLY B 95 -15.52 13.69 -2.97
C GLY B 95 -15.22 14.96 -2.19
N ASN B 96 -16.26 15.77 -2.04
CA ASN B 96 -16.19 17.07 -1.39
C ASN B 96 -15.68 17.01 0.07
N THR B 97 -14.93 18.02 0.49
CA THR B 97 -14.39 18.05 1.86
C THR B 97 -15.50 17.98 2.92
N ASN B 98 -16.60 18.66 2.62
CA ASN B 98 -17.71 18.84 3.56
C ASN B 98 -18.66 17.66 3.52
N PRO B 99 -18.82 16.97 4.66
CA PRO B 99 -19.66 15.75 4.67
C PRO B 99 -21.14 16.04 4.39
N LEU B 100 -21.52 17.31 4.36
CA LEU B 100 -22.88 17.66 3.94
C LEU B 100 -23.00 17.67 2.43
N ALA B 101 -21.88 17.65 1.72
CA ALA B 101 -21.89 17.77 0.27
C ALA B 101 -21.31 16.57 -0.50
N SER B 102 -20.48 15.75 0.14
CA SER B 102 -19.83 14.67 -0.60
C SER B 102 -20.83 13.61 -1.07
N ALA B 103 -20.76 13.24 -2.34
CA ALA B 103 -21.78 12.38 -2.94
C ALA B 103 -21.59 10.90 -2.60
N PRO B 104 -22.70 10.19 -2.32
CA PRO B 104 -22.57 8.72 -2.16
C PRO B 104 -21.93 8.16 -3.42
N GLY B 105 -21.05 7.17 -3.30
CA GLY B 105 -20.29 6.75 -4.46
C GLY B 105 -18.86 7.26 -4.42
N THR B 106 -18.64 8.44 -3.81
CA THR B 106 -17.29 8.92 -3.58
C THR B 106 -16.70 8.33 -2.31
N ILE B 107 -15.38 8.38 -2.18
CA ILE B 107 -14.70 7.89 -0.99
C ILE B 107 -15.25 8.59 0.24
N ARG B 108 -15.23 9.92 0.21
CA ARG B 108 -15.71 10.67 1.37
C ARG B 108 -17.23 10.54 1.55
N GLY B 109 -17.97 10.52 0.44
CA GLY B 109 -19.43 10.38 0.49
C GLY B 109 -19.85 9.08 1.14
N ASP B 110 -19.11 8.00 0.89
CA ASP B 110 -19.43 6.71 1.48
C ASP B 110 -18.85 6.49 2.87
N LEU B 111 -17.68 7.07 3.15
CA LEU B 111 -16.88 6.62 4.29
C LEU B 111 -16.56 7.67 5.36
N ALA B 112 -16.60 8.95 4.98
CA ALA B 112 -16.10 10.00 5.88
C ALA B 112 -17.26 10.72 6.53
N ASN B 113 -17.10 11.09 7.78
CA ASN B 113 -18.19 11.76 8.48
C ASN B 113 -17.77 13.09 9.11
N ASP B 114 -16.65 13.63 8.67
CA ASP B 114 -16.08 14.83 9.30
C ASP B 114 -15.33 15.63 8.24
N ILE B 115 -15.40 16.96 8.34
CA ILE B 115 -14.72 17.82 7.38
C ILE B 115 -13.22 17.73 7.54
N GLY B 116 -12.76 17.35 8.74
CA GLY B 116 -11.34 17.21 9.04
C GLY B 116 -10.83 15.78 8.88
N GLU B 117 -11.43 14.85 9.62
CA GLU B 117 -11.10 13.44 9.48
C GLU B 117 -11.76 12.91 8.20
N ASN B 118 -11.08 13.15 7.09
CA ASN B 118 -11.68 12.88 5.79
C ASN B 118 -10.89 11.93 4.90
N LEU B 119 -10.04 11.11 5.53
CA LEU B 119 -9.47 9.88 4.92
C LEU B 119 -8.37 10.03 3.87
N ILE B 120 -8.50 11.01 2.98
CA ILE B 120 -7.62 11.06 1.83
C ILE B 120 -7.36 12.48 1.37
N HIS B 121 -6.10 12.72 1.01
CA HIS B 121 -5.71 13.92 0.27
C HIS B 121 -5.47 13.55 -1.19
N ALA B 122 -5.86 14.43 -2.10
CA ALA B 122 -5.52 14.31 -3.52
C ALA B 122 -5.17 15.70 -4.07
N SER B 123 -4.07 15.79 -4.83
CA SER B 123 -3.65 17.05 -5.46
C SER B 123 -4.78 17.65 -6.28
N ASP B 124 -4.92 18.96 -6.22
CA ASP B 124 -6.05 19.60 -6.87
C ASP B 124 -5.76 20.25 -8.24
N SER B 125 -4.54 20.12 -8.75
CA SER B 125 -4.17 20.73 -10.03
C SER B 125 -2.80 20.28 -10.49
N GLU B 126 -2.46 20.55 -11.74
CA GLU B 126 -1.16 20.16 -12.25
C GLU B 126 -0.01 20.73 -11.44
N ASP B 127 -0.12 22.02 -11.11
CA ASP B 127 0.96 22.70 -10.40
C ASP B 127 1.10 22.21 -8.96
N SER B 128 -0.04 22.03 -8.29
CA SER B 128 0.04 21.53 -6.92
C SER B 128 0.47 20.05 -6.90
N ALA B 129 0.07 19.28 -7.90
CA ALA B 129 0.57 17.91 -8.01
C ALA B 129 2.10 17.91 -8.07
N VAL B 130 2.67 18.73 -8.93
CA VAL B 130 4.14 18.77 -9.06
C VAL B 130 4.81 19.15 -7.74
N ASP B 131 4.25 20.16 -7.07
CA ASP B 131 4.76 20.60 -5.77
C ASP B 131 4.68 19.50 -4.73
N GLU B 132 3.51 18.87 -4.63
CA GLU B 132 3.31 17.89 -3.56
C GLU B 132 4.16 16.67 -3.80
N ILE B 133 4.29 16.31 -5.06
CA ILE B 133 5.16 15.18 -5.39
C ILE B 133 6.60 15.45 -4.94
N SER B 134 7.09 16.67 -5.13
CA SER B 134 8.47 16.95 -4.73
C SER B 134 8.64 16.99 -3.21
N ILE B 135 7.56 17.25 -2.47
CA ILE B 135 7.64 17.26 -1.01
C ILE B 135 7.79 15.84 -0.45
N TRP B 136 7.01 14.91 -0.99
CA TRP B 136 6.93 13.56 -0.46
C TRP B 136 7.96 12.64 -1.08
N PHE B 137 8.35 12.95 -2.31
CA PHE B 137 9.33 12.16 -3.04
C PHE B 137 10.39 13.09 -3.65
N PRO B 138 11.22 13.69 -2.80
CA PRO B 138 12.22 14.69 -3.21
C PRO B 138 13.36 14.04 -3.98
#